data_2WP1
#
_entry.id   2WP1
#
_cell.length_a   101.300
_cell.length_b   101.300
_cell.length_c   79.350
_cell.angle_alpha   90.00
_cell.angle_beta   90.00
_cell.angle_gamma   90.00
#
_symmetry.space_group_name_H-M   'P 41 21 2'
#
loop_
_entity.id
_entity.type
_entity.pdbx_description
1 polymer 'BROMODOMAIN TESTIS-SPECIFIC PROTEIN'
2 polymer 'HISTONE H3'
3 water water
#
loop_
_entity_poly.entity_id
_entity_poly.type
_entity_poly.pdbx_seq_one_letter_code
_entity_poly.pdbx_strand_id
1 'polypeptide(L)'
;QQQHKVLKTVKVTEQLKHCSEILKEMLAKKHLPYAWPFYNPVDADALGLHNYYDVVKNPMDLGTIKGKMDNQEYKDAYEF
AADVRLMFMNCYKYNPPDHEVVAMARTLQDVFELHFAKIPDEPIES
;
A,B
2 'polypeptide(L)' KAPR(ALY)QLATK P,Q
#
# COMPACT_ATOMS: atom_id res chain seq x y z
N GLN A 3 -15.57 -28.15 -14.57
CA GLN A 3 -14.77 -27.04 -14.02
C GLN A 3 -13.39 -27.05 -14.64
N HIS A 4 -12.56 -28.00 -14.20
CA HIS A 4 -11.21 -28.08 -14.74
C HIS A 4 -10.39 -26.88 -14.36
N LYS A 5 -9.12 -26.87 -14.77
CA LYS A 5 -8.25 -25.75 -14.44
C LYS A 5 -7.65 -25.95 -13.06
N VAL A 6 -7.51 -24.88 -12.29
CA VAL A 6 -6.96 -24.96 -10.94
C VAL A 6 -8.09 -24.65 -9.95
N LEU A 7 -8.09 -25.33 -8.81
CA LEU A 7 -9.09 -25.14 -7.76
C LEU A 7 -8.84 -23.81 -7.05
N LYS A 8 -9.91 -23.11 -6.69
CA LYS A 8 -9.75 -21.83 -6.01
C LYS A 8 -9.00 -21.95 -4.68
N THR A 9 -9.29 -23.01 -3.92
CA THR A 9 -8.62 -23.21 -2.65
C THR A 9 -7.12 -23.39 -2.86
N VAL A 10 -6.74 -24.02 -3.97
CA VAL A 10 -5.33 -24.24 -4.28
C VAL A 10 -4.62 -22.92 -4.64
N LYS A 11 -5.27 -22.06 -5.42
CA LYS A 11 -4.70 -20.77 -5.80
C LYS A 11 -4.49 -19.89 -4.58
N VAL A 12 -5.46 -19.93 -3.67
CA VAL A 12 -5.38 -19.12 -2.47
C VAL A 12 -4.17 -19.58 -1.66
N THR A 13 -4.02 -20.89 -1.51
CA THR A 13 -2.89 -21.43 -0.77
C THR A 13 -1.57 -21.00 -1.44
N GLU A 14 -1.50 -21.10 -2.77
CA GLU A 14 -0.31 -20.71 -3.50
C GLU A 14 0.02 -19.25 -3.23
N GLN A 15 -1.02 -18.41 -3.28
CA GLN A 15 -0.84 -16.99 -3.04
C GLN A 15 -0.41 -16.71 -1.60
N LEU A 16 -0.93 -17.48 -0.65
CA LEU A 16 -0.54 -17.26 0.74
C LEU A 16 0.89 -17.75 0.93
N LYS A 17 1.31 -18.72 0.11
CA LYS A 17 2.70 -19.19 0.19
C LYS A 17 3.62 -18.07 -0.33
N HIS A 18 3.19 -17.38 -1.39
CA HIS A 18 4.01 -16.27 -1.88
C HIS A 18 4.12 -15.19 -0.78
N CYS A 19 3.01 -14.99 -0.06
CA CYS A 19 2.95 -14.00 1.03
C CYS A 19 3.94 -14.36 2.10
N SER A 20 3.98 -15.63 2.48
CA SER A 20 4.93 -16.10 3.47
C SER A 20 6.34 -15.78 2.99
N GLU A 21 6.59 -16.00 1.70
CA GLU A 21 7.91 -15.71 1.13
C GLU A 21 8.24 -14.21 1.14
N ILE A 22 7.20 -13.38 1.03
CA ILE A 22 7.40 -11.94 1.06
C ILE A 22 7.77 -11.54 2.49
N LEU A 23 7.07 -12.13 3.45
CA LEU A 23 7.32 -11.88 4.86
C LEU A 23 8.75 -12.33 5.18
N LYS A 24 9.14 -13.49 4.68
CA LYS A 24 10.49 -13.97 4.91
C LYS A 24 11.49 -12.95 4.33
N GLU A 25 11.22 -12.46 3.12
CA GLU A 25 12.10 -11.48 2.51
C GLU A 25 12.27 -10.27 3.43
N MET A 26 11.15 -9.71 3.90
CA MET A 26 11.17 -8.54 4.78
C MET A 26 11.92 -8.73 6.10
N LEU A 27 12.03 -9.98 6.55
CA LEU A 27 12.71 -10.33 7.80
C LEU A 27 14.18 -10.70 7.57
N ALA A 28 14.66 -10.66 6.33
CA ALA A 28 16.05 -11.02 6.04
C ALA A 28 17.06 -9.97 6.53
N LYS A 29 18.29 -10.40 6.82
CA LYS A 29 19.32 -9.49 7.33
C LYS A 29 19.57 -8.31 6.41
N LYS A 30 19.37 -8.56 5.12
CA LYS A 30 19.54 -7.54 4.10
C LYS A 30 18.77 -6.24 4.42
N HIS A 31 17.57 -6.37 4.98
CA HIS A 31 16.72 -5.22 5.27
C HIS A 31 16.80 -4.73 6.71
N LEU A 32 17.56 -5.44 7.53
CA LEU A 32 17.73 -5.13 8.94
C LEU A 32 17.92 -3.64 9.24
N PRO A 33 18.72 -2.93 8.43
CA PRO A 33 18.92 -1.50 8.67
C PRO A 33 17.67 -0.63 8.79
N TYR A 34 16.56 -1.04 8.19
CA TYR A 34 15.34 -0.23 8.29
C TYR A 34 14.11 -1.04 8.69
N ALA A 35 14.28 -2.35 8.81
CA ALA A 35 13.17 -3.22 9.20
C ALA A 35 13.14 -3.55 10.70
N TRP A 36 14.29 -3.49 11.37
CA TRP A 36 14.31 -3.86 12.79
C TRP A 36 13.25 -3.23 13.69
N PRO A 37 12.86 -1.98 13.45
CA PRO A 37 11.83 -1.36 14.30
C PRO A 37 10.46 -2.01 14.15
N PHE A 38 10.31 -2.92 13.19
CA PHE A 38 9.02 -3.57 12.93
C PHE A 38 8.99 -5.05 13.21
N TYR A 39 10.07 -5.60 13.75
CA TYR A 39 10.14 -7.02 14.05
C TYR A 39 9.19 -7.42 15.16
N ASN A 40 9.02 -6.54 16.14
CA ASN A 40 8.14 -6.81 17.28
C ASN A 40 7.18 -5.70 17.54
N PRO A 41 6.18 -5.95 18.39
CA PRO A 41 5.18 -4.94 18.72
C PRO A 41 5.89 -3.73 19.34
N VAL A 42 5.38 -2.54 19.11
CA VAL A 42 5.99 -1.34 19.69
C VAL A 42 5.79 -1.42 21.20
N ASP A 43 6.86 -1.18 21.95
CA ASP A 43 6.78 -1.23 23.41
C ASP A 43 6.49 0.16 23.97
N ALA A 44 5.22 0.57 23.89
CA ALA A 44 4.81 1.89 24.38
C ALA A 44 5.36 2.12 25.78
N ASP A 45 5.12 1.16 26.66
CA ASP A 45 5.57 1.23 28.04
C ASP A 45 7.07 1.53 28.13
N ALA A 46 7.89 0.58 27.69
CA ALA A 46 9.34 0.71 27.72
C ALA A 46 9.86 1.95 27.01
N LEU A 47 9.08 2.50 26.09
CA LEU A 47 9.51 3.69 25.36
C LEU A 47 8.91 4.96 25.93
N GLY A 48 8.00 4.82 26.90
CA GLY A 48 7.38 5.97 27.49
C GLY A 48 6.27 6.55 26.65
N LEU A 49 5.89 5.83 25.60
CA LEU A 49 4.83 6.29 24.73
C LEU A 49 3.54 5.96 25.48
N HIS A 50 3.15 6.84 26.40
CA HIS A 50 1.95 6.62 27.18
C HIS A 50 0.68 6.86 26.37
N ASN A 51 0.83 7.44 25.19
CA ASN A 51 -0.31 7.73 24.32
C ASN A 51 -0.35 6.84 23.09
N TYR A 52 0.47 5.79 23.05
CA TYR A 52 0.51 4.92 21.88
C TYR A 52 -0.79 4.17 21.63
N TYR A 53 -1.31 3.47 22.63
CA TYR A 53 -2.54 2.74 22.42
C TYR A 53 -3.77 3.62 22.34
N ASP A 54 -3.56 4.93 22.52
CA ASP A 54 -4.67 5.85 22.43
C ASP A 54 -4.83 6.22 20.96
N VAL A 55 -3.72 6.56 20.31
CA VAL A 55 -3.76 6.93 18.90
C VAL A 55 -3.78 5.70 18.00
N VAL A 56 -3.06 4.65 18.40
CA VAL A 56 -3.00 3.41 17.62
C VAL A 56 -3.94 2.36 18.22
N LYS A 57 -5.12 2.22 17.62
CA LYS A 57 -6.09 1.25 18.11
C LYS A 57 -5.79 -0.20 17.74
N ASN A 58 -5.07 -0.42 16.63
CA ASN A 58 -4.74 -1.78 16.21
C ASN A 58 -3.26 -1.96 15.87
N PRO A 59 -2.41 -2.10 16.89
CA PRO A 59 -0.97 -2.28 16.71
C PRO A 59 -0.70 -3.50 15.82
N MET A 60 0.40 -3.48 15.07
CA MET A 60 0.77 -4.60 14.22
C MET A 60 2.28 -4.56 13.97
N ASP A 61 2.86 -5.74 13.76
CA ASP A 61 4.29 -5.85 13.51
C ASP A 61 4.58 -7.14 12.74
N LEU A 62 5.77 -7.20 12.14
CA LEU A 62 6.16 -8.37 11.36
C LEU A 62 6.06 -9.67 12.15
N GLY A 63 6.49 -9.63 13.42
CA GLY A 63 6.43 -10.82 14.25
C GLY A 63 5.01 -11.34 14.42
N THR A 64 4.07 -10.43 14.64
CA THR A 64 2.69 -10.87 14.81
C THR A 64 2.13 -11.42 13.49
N ILE A 65 2.44 -10.74 12.37
CA ILE A 65 1.97 -11.20 11.06
C ILE A 65 2.55 -12.60 10.83
N LYS A 66 3.82 -12.78 11.16
CA LYS A 66 4.44 -14.09 11.00
C LYS A 66 3.70 -15.14 11.84
N GLY A 67 3.28 -14.76 13.04
CA GLY A 67 2.55 -15.67 13.89
C GLY A 67 1.19 -16.05 13.32
N LYS A 68 0.49 -15.07 12.78
CA LYS A 68 -0.82 -15.32 12.21
C LYS A 68 -0.71 -16.21 10.96
N MET A 69 0.35 -16.00 10.17
CA MET A 69 0.56 -16.78 8.96
C MET A 69 0.84 -18.23 9.36
N ASP A 70 1.72 -18.40 10.34
CA ASP A 70 2.05 -19.74 10.80
C ASP A 70 0.81 -20.44 11.34
N ASN A 71 -0.14 -19.68 11.89
CA ASN A 71 -1.33 -20.29 12.43
C ASN A 71 -2.51 -20.34 11.45
N GLN A 72 -2.21 -20.18 10.16
CA GLN A 72 -3.25 -20.23 9.12
C GLN A 72 -4.43 -19.31 9.43
N GLU A 73 -4.14 -18.08 9.86
CA GLU A 73 -5.19 -17.12 10.20
C GLU A 73 -5.65 -16.21 9.06
N TYR A 74 -4.86 -16.10 8.00
CA TYR A 74 -5.24 -15.23 6.87
C TYR A 74 -6.07 -15.98 5.83
N LYS A 75 -7.25 -15.46 5.51
CA LYS A 75 -8.09 -16.15 4.54
C LYS A 75 -7.60 -15.98 3.12
N ASP A 76 -6.79 -14.94 2.90
CA ASP A 76 -6.22 -14.69 1.60
C ASP A 76 -5.10 -13.65 1.63
N ALA A 77 -4.52 -13.41 0.46
CA ALA A 77 -3.41 -12.47 0.32
C ALA A 77 -3.82 -11.04 0.67
N TYR A 78 -5.05 -10.65 0.32
CA TYR A 78 -5.50 -9.30 0.65
C TYR A 78 -5.51 -9.09 2.16
N GLU A 79 -5.90 -10.12 2.89
CA GLU A 79 -5.94 -10.03 4.34
C GLU A 79 -4.51 -9.88 4.87
N PHE A 80 -3.58 -10.61 4.28
CA PHE A 80 -2.20 -10.50 4.68
C PHE A 80 -1.74 -9.07 4.40
N ALA A 81 -2.00 -8.61 3.18
CA ALA A 81 -1.60 -7.24 2.80
C ALA A 81 -2.12 -6.17 3.74
N ALA A 82 -3.35 -6.36 4.21
CA ALA A 82 -3.97 -5.38 5.09
C ALA A 82 -3.21 -5.27 6.41
N ASP A 83 -2.76 -6.41 6.95
CA ASP A 83 -2.01 -6.33 8.18
C ASP A 83 -0.67 -5.66 7.96
N VAL A 84 -0.05 -5.91 6.81
CA VAL A 84 1.23 -5.28 6.53
C VAL A 84 1.04 -3.76 6.40
N ARG A 85 0.00 -3.35 5.69
CA ARG A 85 -0.25 -1.92 5.53
C ARG A 85 -0.70 -1.27 6.83
N LEU A 86 -1.33 -2.04 7.72
CA LEU A 86 -1.78 -1.51 9.00
C LEU A 86 -0.53 -1.14 9.79
N MET A 87 0.44 -2.05 9.78
CA MET A 87 1.71 -1.86 10.45
C MET A 87 2.32 -0.52 10.02
N PHE A 88 2.43 -0.29 8.71
CA PHE A 88 2.99 0.98 8.23
C PHE A 88 2.07 2.15 8.57
N MET A 89 0.77 1.94 8.45
CA MET A 89 -0.19 3.01 8.74
C MET A 89 0.00 3.50 10.19
N ASN A 90 0.11 2.56 11.12
CA ASN A 90 0.30 2.89 12.52
C ASN A 90 1.51 3.80 12.69
N CYS A 91 2.62 3.41 12.08
CA CYS A 91 3.86 4.17 12.17
C CYS A 91 3.68 5.59 11.63
N TYR A 92 3.04 5.71 10.47
CA TYR A 92 2.83 7.03 9.88
C TYR A 92 1.89 7.88 10.73
N LYS A 93 0.93 7.23 11.38
CA LYS A 93 -0.03 7.94 12.22
C LYS A 93 0.51 8.41 13.56
N TYR A 94 1.34 7.59 14.20
CA TYR A 94 1.87 7.94 15.51
C TYR A 94 3.08 8.85 15.50
N ASN A 95 3.98 8.63 14.57
CA ASN A 95 5.19 9.43 14.53
C ASN A 95 5.09 10.68 13.69
N PRO A 96 5.97 11.67 13.96
CA PRO A 96 5.98 12.92 13.21
C PRO A 96 6.52 12.64 11.81
N PRO A 97 5.90 13.25 10.80
CA PRO A 97 6.31 13.06 9.40
C PRO A 97 7.82 13.05 9.11
N ASP A 98 8.60 13.80 9.87
CA ASP A 98 10.05 13.85 9.64
C ASP A 98 10.83 12.86 10.50
N HIS A 99 10.13 12.03 11.26
CA HIS A 99 10.81 11.09 12.13
C HIS A 99 11.61 10.08 11.31
N GLU A 100 12.73 9.63 11.87
CA GLU A 100 13.58 8.67 11.19
C GLU A 100 12.87 7.34 10.96
N VAL A 101 11.99 6.97 11.86
CA VAL A 101 11.27 5.70 11.74
C VAL A 101 10.29 5.73 10.57
N VAL A 102 9.79 6.91 10.23
CA VAL A 102 8.86 7.03 9.13
C VAL A 102 9.62 6.75 7.82
N ALA A 103 10.83 7.29 7.69
CA ALA A 103 11.65 7.05 6.51
C ALA A 103 11.97 5.56 6.39
N MET A 104 12.17 4.91 7.53
CA MET A 104 12.47 3.50 7.51
C MET A 104 11.25 2.70 7.08
N ALA A 105 10.07 3.12 7.54
CA ALA A 105 8.83 2.45 7.21
C ALA A 105 8.60 2.49 5.69
N ARG A 106 8.82 3.66 5.10
CA ARG A 106 8.62 3.84 3.68
C ARG A 106 9.60 3.05 2.84
N THR A 107 10.81 2.86 3.37
CA THR A 107 11.81 2.07 2.67
C THR A 107 11.33 0.62 2.72
N LEU A 108 10.91 0.17 3.91
CA LEU A 108 10.41 -1.19 4.07
C LEU A 108 9.12 -1.38 3.24
N GLN A 109 8.30 -0.34 3.14
CA GLN A 109 7.10 -0.47 2.34
C GLN A 109 7.44 -0.54 0.85
N ASP A 110 8.54 0.10 0.44
CA ASP A 110 9.00 0.00 -0.95
C ASP A 110 9.23 -1.49 -1.24
N VAL A 111 9.83 -2.17 -0.26
CA VAL A 111 10.14 -3.60 -0.42
C VAL A 111 8.86 -4.40 -0.55
N PHE A 112 7.97 -4.20 0.40
CA PHE A 112 6.69 -4.89 0.42
C PHE A 112 5.85 -4.70 -0.84
N GLU A 113 5.59 -3.44 -1.21
CA GLU A 113 4.75 -3.16 -2.36
C GLU A 113 5.28 -3.78 -3.65
N LEU A 114 6.56 -3.57 -3.92
CA LEU A 114 7.18 -4.12 -5.12
C LEU A 114 7.15 -5.64 -5.13
N HIS A 115 7.26 -6.27 -3.97
CA HIS A 115 7.20 -7.73 -3.95
C HIS A 115 5.77 -8.23 -4.01
N PHE A 116 4.88 -7.64 -3.22
CA PHE A 116 3.50 -8.08 -3.21
C PHE A 116 2.86 -8.01 -4.58
N ALA A 117 3.10 -6.90 -5.28
CA ALA A 117 2.52 -6.69 -6.60
C ALA A 117 2.93 -7.72 -7.65
N LYS A 118 4.07 -8.38 -7.42
CA LYS A 118 4.56 -9.39 -8.36
C LYS A 118 4.03 -10.79 -8.07
N ILE A 119 3.02 -10.91 -7.22
CA ILE A 119 2.43 -12.22 -6.96
C ILE A 119 1.73 -12.60 -8.25
N PRO A 120 2.01 -13.79 -8.79
CA PRO A 120 1.41 -14.28 -10.04
C PRO A 120 -0.09 -14.01 -10.19
N ASP A 121 -0.45 -13.34 -11.29
CA ASP A 121 -1.83 -12.97 -11.64
C ASP A 121 -2.32 -11.90 -10.67
N GLU A 122 -3.57 -11.95 -10.24
CA GLU A 122 -3.97 -10.97 -9.25
C GLU A 122 -4.67 -11.62 -8.07
N PRO A 123 -4.37 -11.15 -6.85
CA PRO A 123 -4.92 -11.63 -5.59
C PRO A 123 -6.38 -12.06 -5.63
N ILE A 124 -6.63 -13.23 -5.05
CA ILE A 124 -7.97 -13.81 -4.98
C ILE A 124 -8.54 -13.61 -3.57
N GLU A 125 -9.87 -13.55 -3.48
CA GLU A 125 -10.52 -13.38 -2.19
C GLU A 125 -10.92 -14.70 -1.55
N SER A 126 -11.34 -14.70 -0.37
N THR B 9 -22.35 5.68 10.10
CA THR B 9 -23.27 6.56 9.33
C THR B 9 -22.84 8.02 9.35
N VAL B 10 -22.70 8.58 10.55
CA VAL B 10 -22.30 9.96 10.69
C VAL B 10 -20.79 10.16 10.60
N LYS B 11 -20.05 9.28 11.26
CA LYS B 11 -18.60 9.35 11.25
C LYS B 11 -18.04 8.94 9.90
N VAL B 12 -18.78 8.10 9.19
CA VAL B 12 -18.36 7.64 7.87
C VAL B 12 -18.32 8.84 6.92
N THR B 13 -19.38 9.65 6.95
CA THR B 13 -19.47 10.84 6.11
C THR B 13 -18.33 11.80 6.41
N GLU B 14 -18.03 11.98 7.69
CA GLU B 14 -16.97 12.87 8.09
C GLU B 14 -15.67 12.37 7.46
N GLN B 15 -15.52 11.04 7.44
CA GLN B 15 -14.33 10.41 6.88
C GLN B 15 -14.25 10.53 5.37
N LEU B 16 -15.36 10.28 4.67
CA LEU B 16 -15.36 10.40 3.22
C LEU B 16 -15.05 11.84 2.80
N LYS B 17 -15.19 12.77 3.74
CA LYS B 17 -14.89 14.16 3.45
C LYS B 17 -13.38 14.33 3.58
N HIS B 18 -12.80 13.58 4.51
CA HIS B 18 -11.37 13.59 4.76
C HIS B 18 -10.65 12.94 3.60
N CYS B 19 -11.33 12.03 2.92
CA CYS B 19 -10.76 11.34 1.76
C CYS B 19 -10.73 12.32 0.61
N SER B 20 -11.81 13.09 0.45
CA SER B 20 -11.86 14.07 -0.62
C SER B 20 -10.70 15.05 -0.42
N GLU B 21 -10.38 15.35 0.82
CA GLU B 21 -9.28 16.26 1.06
C GLU B 21 -7.93 15.59 0.76
N ILE B 22 -7.87 14.27 0.90
CA ILE B 22 -6.65 13.52 0.59
C ILE B 22 -6.54 13.47 -0.95
N LEU B 23 -7.65 13.17 -1.62
CA LEU B 23 -7.65 13.11 -3.08
C LEU B 23 -7.19 14.48 -3.60
N LYS B 24 -7.73 15.54 -3.02
CA LYS B 24 -7.38 16.90 -3.40
C LYS B 24 -5.87 17.13 -3.20
N GLU B 25 -5.31 16.53 -2.15
CA GLU B 25 -3.89 16.66 -1.84
C GLU B 25 -3.03 15.97 -2.92
N MET B 26 -3.45 14.77 -3.31
CA MET B 26 -2.74 14.00 -4.31
C MET B 26 -2.77 14.67 -5.68
N LEU B 27 -3.73 15.57 -5.86
CA LEU B 27 -3.91 16.30 -7.12
C LEU B 27 -3.34 17.71 -7.07
N ALA B 28 -2.73 18.08 -5.95
CA ALA B 28 -2.16 19.40 -5.77
C ALA B 28 -0.92 19.66 -6.63
N LYS B 29 -0.81 20.89 -7.13
CA LYS B 29 0.31 21.31 -7.98
C LYS B 29 1.67 20.80 -7.48
N LYS B 30 1.80 20.73 -6.16
CA LYS B 30 3.01 20.29 -5.46
C LYS B 30 3.58 18.91 -5.86
N HIS B 31 2.69 17.95 -6.11
CA HIS B 31 3.13 16.59 -6.46
C HIS B 31 3.23 16.30 -7.95
N LEU B 32 2.94 17.30 -8.77
CA LEU B 32 2.97 17.17 -10.23
C LEU B 32 4.09 16.34 -10.83
N PRO B 33 5.35 16.61 -10.47
CA PRO B 33 6.50 15.87 -11.01
C PRO B 33 6.37 14.36 -10.95
N TYR B 34 5.62 13.86 -9.97
CA TYR B 34 5.48 12.41 -9.85
C TYR B 34 4.05 11.93 -9.85
N ALA B 35 3.10 12.85 -9.87
CA ALA B 35 1.70 12.47 -9.87
C ALA B 35 1.05 12.50 -11.25
N TRP B 36 1.55 13.33 -12.16
CA TRP B 36 0.90 13.42 -13.46
C TRP B 36 0.63 12.11 -14.20
N PRO B 37 1.50 11.08 -14.04
CA PRO B 37 1.23 9.82 -14.77
C PRO B 37 -0.04 9.11 -14.29
N PHE B 38 -0.56 9.54 -13.15
CA PHE B 38 -1.74 8.91 -12.59
C PHE B 38 -3.01 9.75 -12.70
N TYR B 39 -2.92 10.86 -13.42
CA TYR B 39 -4.09 11.73 -13.61
C TYR B 39 -5.13 11.08 -14.53
N ASN B 40 -4.66 10.34 -15.52
CA ASN B 40 -5.53 9.69 -16.49
C ASN B 40 -5.27 8.19 -16.55
N PRO B 41 -6.22 7.44 -17.11
CA PRO B 41 -6.08 5.99 -17.24
C PRO B 41 -4.86 5.73 -18.13
N VAL B 42 -4.19 4.61 -17.89
CA VAL B 42 -3.04 4.25 -18.72
C VAL B 42 -3.63 4.04 -20.11
N ASP B 43 -3.16 4.78 -21.12
CA ASP B 43 -3.66 4.62 -22.47
C ASP B 43 -2.85 3.51 -23.17
N ALA B 44 -3.15 2.27 -22.83
CA ALA B 44 -2.45 1.10 -23.36
C ALA B 44 -2.36 1.16 -24.88
N ASP B 45 -3.46 1.53 -25.50
CA ASP B 45 -3.52 1.62 -26.96
C ASP B 45 -2.46 2.56 -27.52
N ALA B 46 -2.47 3.82 -27.05
CA ALA B 46 -1.52 4.82 -27.51
C ALA B 46 -0.07 4.53 -27.12
N LEU B 47 0.13 3.80 -26.02
CA LEU B 47 1.49 3.49 -25.59
C LEU B 47 1.99 2.19 -26.19
N GLY B 48 1.09 1.47 -26.86
CA GLY B 48 1.47 0.20 -27.47
C GLY B 48 1.72 -0.89 -26.45
N LEU B 49 1.09 -0.78 -25.30
CA LEU B 49 1.24 -1.79 -24.26
C LEU B 49 0.15 -2.82 -24.54
N HIS B 50 0.35 -3.60 -25.59
CA HIS B 50 -0.66 -4.60 -26.00
C HIS B 50 -1.00 -5.67 -24.98
N ASN B 51 -0.23 -5.75 -23.89
CA ASN B 51 -0.49 -6.74 -22.85
C ASN B 51 -1.02 -6.09 -21.57
N TYR B 52 -1.09 -4.77 -21.53
CA TYR B 52 -1.55 -4.10 -20.31
C TYR B 52 -2.83 -4.71 -19.70
N TYR B 53 -3.91 -4.71 -20.46
CA TYR B 53 -5.19 -5.23 -19.94
C TYR B 53 -5.18 -6.72 -19.63
N ASP B 54 -4.13 -7.42 -20.02
CA ASP B 54 -4.03 -8.85 -19.74
C ASP B 54 -3.40 -9.04 -18.37
N VAL B 55 -2.50 -8.12 -18.03
CA VAL B 55 -1.80 -8.14 -16.74
C VAL B 55 -2.60 -7.38 -15.67
N VAL B 56 -3.16 -6.24 -16.07
CA VAL B 56 -3.95 -5.41 -15.17
C VAL B 56 -5.42 -5.63 -15.44
N LYS B 57 -6.09 -6.41 -14.58
CA LYS B 57 -7.50 -6.70 -14.75
C LYS B 57 -8.43 -5.57 -14.30
N ASN B 58 -7.97 -4.72 -13.39
CA ASN B 58 -8.80 -3.63 -12.94
C ASN B 58 -8.05 -2.30 -12.90
N PRO B 59 -7.95 -1.64 -14.06
CA PRO B 59 -7.26 -0.35 -14.19
C PRO B 59 -7.86 0.69 -13.25
N MET B 60 -7.03 1.65 -12.85
CA MET B 60 -7.50 2.69 -11.94
C MET B 60 -6.52 3.85 -12.00
N ASP B 61 -7.05 5.07 -11.91
CA ASP B 61 -6.23 6.27 -11.97
C ASP B 61 -6.92 7.32 -11.11
N LEU B 62 -6.21 8.44 -10.87
CA LEU B 62 -6.74 9.52 -10.06
C LEU B 62 -7.94 10.19 -10.72
N GLY B 63 -7.92 10.21 -12.04
CA GLY B 63 -9.03 10.83 -12.77
C GLY B 63 -10.30 10.05 -12.52
N THR B 64 -10.19 8.73 -12.52
CA THR B 64 -11.37 7.90 -12.27
C THR B 64 -11.78 7.96 -10.80
N ILE B 65 -10.80 7.98 -9.92
CA ILE B 65 -11.10 8.04 -8.49
C ILE B 65 -11.84 9.35 -8.18
N LYS B 66 -11.38 10.43 -8.79
CA LYS B 66 -12.01 11.73 -8.58
C LYS B 66 -13.46 11.66 -9.05
N GLY B 67 -13.67 11.05 -10.21
CA GLY B 67 -15.01 10.92 -10.75
C GLY B 67 -15.93 10.17 -9.79
N LYS B 68 -15.49 9.00 -9.35
CA LYS B 68 -16.29 8.19 -8.42
C LYS B 68 -16.58 9.01 -7.17
N MET B 69 -15.54 9.62 -6.62
CA MET B 69 -15.66 10.43 -5.42
C MET B 69 -16.81 11.43 -5.59
N ASP B 70 -16.78 12.17 -6.70
CA ASP B 70 -17.80 13.16 -6.99
C ASP B 70 -19.22 12.63 -7.04
N ASN B 71 -19.43 11.47 -7.66
CA ASN B 71 -20.79 10.95 -7.71
C ASN B 71 -21.08 9.88 -6.66
N GLN B 72 -20.63 10.16 -5.44
CA GLN B 72 -20.80 9.33 -4.25
C GLN B 72 -20.84 7.80 -4.44
N GLU B 73 -19.76 7.26 -5.00
CA GLU B 73 -19.66 5.83 -5.24
C GLU B 73 -18.90 5.06 -4.17
N TYR B 74 -18.27 5.76 -3.23
CA TYR B 74 -17.53 5.11 -2.15
C TYR B 74 -18.36 5.08 -0.88
N LYS B 75 -18.65 3.87 -0.37
CA LYS B 75 -19.45 3.71 0.84
C LYS B 75 -18.70 4.10 2.11
N ASP B 76 -17.37 4.11 2.04
CA ASP B 76 -16.56 4.46 3.20
C ASP B 76 -15.10 4.69 2.85
N ALA B 77 -14.34 5.19 3.82
CA ALA B 77 -12.92 5.49 3.64
C ALA B 77 -12.09 4.32 3.11
N TYR B 78 -12.35 3.11 3.59
CA TYR B 78 -11.58 1.97 3.12
C TYR B 78 -11.90 1.57 1.68
N GLU B 79 -13.06 1.96 1.20
CA GLU B 79 -13.40 1.64 -0.18
C GLU B 79 -12.59 2.59 -1.07
N PHE B 80 -12.35 3.79 -0.55
CA PHE B 80 -11.57 4.81 -1.24
C PHE B 80 -10.12 4.35 -1.30
N ALA B 81 -9.60 3.93 -0.14
CA ALA B 81 -8.23 3.45 -0.03
C ALA B 81 -7.97 2.31 -1.01
N ALA B 82 -8.96 1.46 -1.19
CA ALA B 82 -8.86 0.31 -2.08
C ALA B 82 -8.61 0.72 -3.52
N ASP B 83 -9.32 1.74 -3.99
CA ASP B 83 -9.12 2.19 -5.35
C ASP B 83 -7.75 2.87 -5.48
N VAL B 84 -7.37 3.65 -4.47
CA VAL B 84 -6.07 4.32 -4.51
C VAL B 84 -4.95 3.27 -4.55
N ARG B 85 -5.04 2.25 -3.71
CA ARG B 85 -4.02 1.22 -3.70
C ARG B 85 -4.06 0.33 -4.93
N LEU B 86 -5.23 0.16 -5.53
CA LEU B 86 -5.34 -0.63 -6.74
C LEU B 86 -4.50 0.10 -7.78
N MET B 87 -4.72 1.41 -7.88
CA MET B 87 -3.98 2.22 -8.82
C MET B 87 -2.46 2.00 -8.69
N PHE B 88 -1.96 2.04 -7.46
CA PHE B 88 -0.54 1.85 -7.23
C PHE B 88 -0.10 0.41 -7.49
N MET B 89 -0.89 -0.54 -7.01
CA MET B 89 -0.57 -1.94 -7.21
C MET B 89 -0.47 -2.29 -8.70
N ASN B 90 -1.34 -1.71 -9.53
CA ASN B 90 -1.31 -1.97 -10.98
C ASN B 90 -0.01 -1.52 -11.59
N CYS B 91 0.45 -0.37 -11.13
CA CYS B 91 1.69 0.20 -11.61
C CYS B 91 2.85 -0.71 -11.18
N TYR B 92 2.88 -1.11 -9.92
CA TYR B 92 3.96 -1.98 -9.46
C TYR B 92 3.93 -3.33 -10.17
N LYS B 93 2.73 -3.83 -10.42
CA LYS B 93 2.59 -5.12 -11.07
C LYS B 93 3.03 -5.06 -12.52
N TYR B 94 2.56 -4.05 -13.25
CA TYR B 94 2.90 -3.94 -14.66
C TYR B 94 4.31 -3.53 -15.01
N ASN B 95 4.82 -2.49 -14.36
CA ASN B 95 6.14 -2.01 -14.71
C ASN B 95 7.27 -2.70 -13.99
N PRO B 96 8.45 -2.76 -14.64
CA PRO B 96 9.61 -3.39 -14.03
C PRO B 96 10.01 -2.49 -12.85
N PRO B 97 10.59 -3.09 -11.80
CA PRO B 97 11.04 -2.43 -10.56
C PRO B 97 11.83 -1.15 -10.75
N ASP B 98 12.71 -1.13 -11.74
CA ASP B 98 13.55 0.03 -11.99
C ASP B 98 12.91 1.10 -12.86
N HIS B 99 11.63 0.94 -13.19
CA HIS B 99 10.98 1.96 -14.00
C HIS B 99 10.80 3.23 -13.17
N GLU B 100 11.01 4.38 -13.80
CA GLU B 100 10.88 5.67 -13.15
C GLU B 100 9.45 5.86 -12.60
N VAL B 101 8.48 5.32 -13.33
CA VAL B 101 7.10 5.45 -12.93
C VAL B 101 6.86 4.72 -11.63
N VAL B 102 7.60 3.64 -11.39
CA VAL B 102 7.42 2.91 -10.14
C VAL B 102 7.88 3.78 -8.96
N ALA B 103 9.04 4.42 -9.12
CA ALA B 103 9.53 5.29 -8.06
C ALA B 103 8.49 6.40 -7.84
N MET B 104 7.96 6.95 -8.94
CA MET B 104 6.96 8.00 -8.83
C MET B 104 5.74 7.49 -8.08
N ALA B 105 5.30 6.27 -8.41
CA ALA B 105 4.15 5.68 -7.73
C ALA B 105 4.39 5.55 -6.24
N ARG B 106 5.59 5.13 -5.84
CA ARG B 106 5.88 4.96 -4.42
C ARG B 106 5.95 6.32 -3.71
N THR B 107 6.37 7.36 -4.41
CA THR B 107 6.44 8.68 -3.81
C THR B 107 5.02 9.22 -3.54
N LEU B 108 4.14 9.04 -4.51
CA LEU B 108 2.77 9.52 -4.36
C LEU B 108 2.05 8.64 -3.35
N GLN B 109 2.43 7.37 -3.28
CA GLN B 109 1.78 6.51 -2.30
C GLN B 109 2.19 6.94 -0.89
N ASP B 110 3.47 7.30 -0.71
CA ASP B 110 3.91 7.74 0.61
C ASP B 110 3.09 8.94 1.06
N VAL B 111 2.72 9.80 0.11
CA VAL B 111 1.92 10.95 0.42
C VAL B 111 0.54 10.47 0.84
N PHE B 112 -0.05 9.59 0.03
CA PHE B 112 -1.37 9.08 0.34
C PHE B 112 -1.45 8.37 1.68
N GLU B 113 -0.49 7.47 1.93
CA GLU B 113 -0.48 6.68 3.16
C GLU B 113 -0.35 7.56 4.40
N LEU B 114 0.48 8.59 4.31
CA LEU B 114 0.71 9.52 5.41
C LEU B 114 -0.58 10.23 5.78
N HIS B 115 -1.26 10.78 4.77
CA HIS B 115 -2.51 11.48 5.00
C HIS B 115 -3.64 10.56 5.40
N PHE B 116 -3.78 9.43 4.71
CA PHE B 116 -4.84 8.48 5.05
C PHE B 116 -4.74 8.08 6.53
N ALA B 117 -3.50 7.86 6.98
CA ALA B 117 -3.24 7.46 8.36
C ALA B 117 -3.70 8.51 9.36
N LYS B 118 -3.55 9.77 9.00
CA LYS B 118 -3.94 10.86 9.89
C LYS B 118 -5.44 11.13 9.96
N ILE B 119 -6.25 10.34 9.25
CA ILE B 119 -7.68 10.58 9.34
C ILE B 119 -8.00 10.40 10.83
N PRO B 120 -8.40 11.50 11.50
CA PRO B 120 -8.74 11.53 12.92
C PRO B 120 -9.37 10.25 13.48
N ASP B 121 -8.59 9.34 13.86
N ALA C 2 4.46 16.63 23.75
CA ALA C 2 4.00 15.32 23.23
C ALA C 2 5.15 14.31 23.15
N PRO C 3 4.87 13.03 23.46
CA PRO C 3 5.90 11.99 23.43
C PRO C 3 6.41 11.72 22.01
N ARG C 4 7.62 11.18 21.93
CA ARG C 4 8.24 10.85 20.65
C ARG C 4 9.17 9.67 20.82
N GLN C 6 12.13 7.10 20.48
CA GLN C 6 13.56 7.31 20.30
C GLN C 6 14.27 6.01 19.92
N LEU C 7 14.58 5.87 18.65
CA LEU C 7 15.25 4.68 18.14
C LEU C 7 16.69 4.66 18.60
N ALA C 8 16.99 3.83 19.60
CA ALA C 8 18.34 3.72 20.14
C ALA C 8 19.04 5.08 20.17
N THR C 9 18.51 6.01 20.83
N LYS D 1 12.55 -6.97 -25.75
CA LYS D 1 11.47 -7.58 -26.58
C LYS D 1 10.07 -7.46 -25.99
N ALA D 2 9.95 -6.70 -24.91
CA ALA D 2 8.64 -6.53 -24.27
C ALA D 2 8.15 -5.08 -24.27
N PRO D 3 6.82 -4.89 -24.20
CA PRO D 3 6.22 -3.56 -24.18
C PRO D 3 6.54 -2.83 -22.87
N ARG D 4 7.24 -1.71 -22.97
CA ARG D 4 7.60 -0.92 -21.79
C ARG D 4 6.94 0.45 -21.91
N GLN D 6 6.49 4.26 -21.85
CA GLN D 6 7.38 5.38 -22.13
C GLN D 6 6.76 6.71 -21.74
N LEU D 7 7.41 7.42 -20.82
CA LEU D 7 6.94 8.72 -20.37
C LEU D 7 7.67 9.80 -21.15
N ALA D 8 6.95 10.79 -21.65
CA ALA D 8 7.54 11.86 -22.44
C ALA D 8 8.62 12.63 -21.71
N THR D 9 8.56 12.61 -20.38
CA THR D 9 9.50 13.32 -19.53
C THR D 9 10.80 12.54 -19.35
N LYS D 10 10.93 11.42 -20.05
CA LYS D 10 12.13 10.59 -19.99
C LYS D 10 11.92 9.31 -20.82
#